data_6BR3
#
_entry.id   6BR3
#
_cell.length_a   99.537
_cell.length_b   99.537
_cell.length_c   127.524
_cell.angle_alpha   90.000
_cell.angle_beta   90.000
_cell.angle_gamma   120.000
#
_symmetry.space_group_name_H-M   'P 61'
#
loop_
_entity.id
_entity.type
_entity.pdbx_description
1 polymer 'Nuclear receptor ROR-gamma'
2 non-polymer (4S)-2-METHYL-2,4-PENTANEDIOL
3 non-polymer '{cis-3-[(5R)-5-[(7-fluoro-1,1-dimethyl-1H-inden-5-yl)carbamoyl]-2-methoxy-7,8-dihydro-1,6-naphthyridine-6(5H)-carbonyl]cyclobutyl}acetic acid'
4 water water
#
_entity_poly.entity_id   1
_entity_poly.type   'polypeptide(L)'
_entity_poly.pdbx_seq_one_letter_code
;ASLTEIEHLVQSVCKSYRETCQLRLEDLLRQRSNIFSREEVTGYQRKSMWEMWERCAHHLTEAIQYVVEFAKRLSGFMEL
CQNDQIVLLKAGAMEVVLVRMCRAYNADNRTVFFEGKYGGMELFRALGCSELISSIFDFSHSLSALHFSEDEIALYTALV
LINAHRPGLQEKRKVEQLQYNLELAFHHHLCKTHRQSILAKLPPKGKLRSLCSQHV
;
_entity_poly.pdbx_strand_id   A,B
#
# COMPACT_ATOMS: atom_id res chain seq x y z
N ALA A 1 11.07 26.40 19.24
CA ALA A 1 12.25 25.68 18.66
C ALA A 1 13.44 26.64 18.52
N SER A 2 14.54 26.36 19.24
CA SER A 2 15.82 27.10 19.12
C SER A 2 16.72 26.46 18.04
N LEU A 3 17.95 26.95 17.93
CA LEU A 3 18.83 26.56 16.82
C LEU A 3 19.50 25.21 16.98
N THR A 4 19.76 24.77 18.22
CA THR A 4 20.21 23.38 18.43
C THR A 4 19.06 22.43 18.12
N GLU A 5 17.85 22.80 18.51
CA GLU A 5 16.65 22.03 18.16
C GLU A 5 16.42 21.90 16.66
N ILE A 6 16.72 22.94 15.90
CA ILE A 6 16.65 22.84 14.42
C ILE A 6 17.67 21.79 13.89
N GLU A 7 18.86 21.70 14.43
CA GLU A 7 19.82 20.67 14.02
C GLU A 7 19.35 19.23 14.31
N HIS A 8 18.59 19.02 15.40
CA HIS A 8 18.00 17.70 15.65
C HIS A 8 16.97 17.39 14.57
N LEU A 9 16.11 18.35 14.25
CA LEU A 9 15.13 18.18 13.17
C LEU A 9 15.80 17.81 11.83
N VAL A 10 16.88 18.51 11.48
CA VAL A 10 17.62 18.27 10.23
C VAL A 10 18.13 16.85 10.24
N GLN A 11 18.86 16.51 11.30
CA GLN A 11 19.39 15.17 11.45
C GLN A 11 18.30 14.12 11.39
N SER A 12 17.18 14.43 12.04
CA SER A 12 16.05 13.52 12.05
C SER A 12 15.54 13.28 10.64
N VAL A 13 15.31 14.36 9.90
CA VAL A 13 14.81 14.29 8.51
C VAL A 13 15.80 13.55 7.62
N CYS A 14 17.09 13.85 7.74
CA CYS A 14 18.13 13.14 6.98
C CYS A 14 18.22 11.65 7.24
N LYS A 15 17.91 11.21 8.46
CA LYS A 15 17.95 9.78 8.81
C LYS A 15 16.66 9.09 8.35
N SER A 16 15.52 9.76 8.48
CA SER A 16 14.27 9.27 7.91
C SER A 16 14.40 9.05 6.43
N TYR A 17 15.07 9.96 5.73
CA TYR A 17 15.30 9.82 4.31
C TYR A 17 16.22 8.66 4.02
N ARG A 18 17.30 8.55 4.79
CA ARG A 18 18.30 7.47 4.64
C ARG A 18 17.67 6.09 4.74
N GLU A 19 16.78 5.93 5.71
CA GLU A 19 16.07 4.69 5.90
C GLU A 19 15.09 4.41 4.76
N THR A 20 14.41 5.43 4.28
CA THR A 20 13.32 5.25 3.30
C THR A 20 13.67 5.59 1.83
N CYS A 21 14.94 5.52 1.46
CA CYS A 21 15.33 5.93 0.08
C CYS A 21 15.23 4.82 -0.95
N GLN A 22 14.93 3.60 -0.55
CA GLN A 22 14.82 2.43 -1.44
C GLN A 22 16.12 2.09 -2.14
N LEU A 23 16.60 2.97 -3.01
CA LEU A 23 17.89 2.80 -3.70
C LEU A 23 19.00 3.59 -3.02
N ARG A 24 20.03 2.86 -2.57
CA ARG A 24 21.20 3.45 -1.96
C ARG A 24 22.02 4.18 -3.01
N LEU A 25 22.38 5.44 -2.74
CA LEU A 25 23.19 6.26 -3.67
C LEU A 25 24.47 5.58 -4.13
N GLU A 26 25.18 4.95 -3.20
CA GLU A 26 26.36 4.16 -3.54
C GLU A 26 26.07 3.13 -4.62
N ASP A 27 24.99 2.38 -4.44
CA ASP A 27 24.62 1.34 -5.39
C ASP A 27 24.28 1.93 -6.78
N LEU A 28 23.48 2.99 -6.80
CA LEU A 28 23.11 3.66 -8.03
C LEU A 28 24.33 4.06 -8.85
N LEU A 29 25.28 4.74 -8.20
CA LEU A 29 26.49 5.24 -8.87
C LEU A 29 27.39 4.13 -9.37
N ARG A 30 27.57 3.07 -8.58
CA ARG A 30 28.35 1.90 -8.98
C ARG A 30 27.76 1.19 -10.21
N GLN A 31 26.43 1.07 -10.24
CA GLN A 31 25.71 0.48 -11.38
C GLN A 31 25.74 1.28 -12.68
N ARG A 32 26.12 2.55 -12.67
CA ARG A 32 26.14 3.39 -13.89
C ARG A 32 26.84 2.73 -15.08
N SER A 33 27.99 2.10 -14.82
CA SER A 33 28.73 1.38 -15.86
C SER A 33 27.96 0.19 -16.44
N ASN A 34 26.98 -0.32 -15.70
CA ASN A 34 26.12 -1.45 -16.10
C ASN A 34 24.88 -0.91 -16.85
N ILE A 35 24.91 -0.99 -18.18
CA ILE A 35 23.99 -0.31 -19.10
C ILE A 35 23.33 -1.36 -20.01
N PHE A 36 22.04 -1.20 -20.36
CA PHE A 36 21.38 -2.20 -21.22
C PHE A 36 22.04 -2.27 -22.60
N SER A 37 22.22 -3.51 -23.07
CA SER A 37 22.75 -3.78 -24.41
C SER A 37 21.67 -3.53 -25.42
N ARG A 38 22.06 -3.27 -26.67
CA ARG A 38 21.09 -3.00 -27.73
C ARG A 38 20.11 -4.15 -27.89
N GLU A 39 20.57 -5.38 -27.64
CA GLU A 39 19.70 -6.54 -27.69
C GLU A 39 18.64 -6.45 -26.61
N GLU A 40 19.05 -6.08 -25.40
CA GLU A 40 18.13 -5.93 -24.26
C GLU A 40 17.12 -4.81 -24.42
N VAL A 41 17.62 -3.67 -24.91
CA VAL A 41 16.75 -2.55 -25.20
C VAL A 41 15.64 -2.96 -26.18
N THR A 42 16.02 -3.57 -27.30
CA THR A 42 15.05 -4.12 -28.26
C THR A 42 14.05 -5.08 -27.60
N GLY A 43 14.52 -5.86 -26.65
CA GLY A 43 13.64 -6.73 -25.89
C GLY A 43 12.53 -5.96 -25.21
N TYR A 44 12.90 -4.90 -24.49
CA TYR A 44 11.92 -4.04 -23.82
C TYR A 44 11.00 -3.29 -24.79
N GLN A 45 11.54 -2.88 -25.93
CA GLN A 45 10.77 -2.16 -26.93
C GLN A 45 9.76 -3.04 -27.60
N ARG A 46 10.09 -4.34 -27.70
CA ARG A 46 9.21 -5.33 -28.34
C ARG A 46 7.97 -5.59 -27.49
N LYS A 47 8.02 -5.27 -26.20
CA LYS A 47 6.93 -5.57 -25.28
C LYS A 47 5.64 -4.80 -25.54
N SER A 48 4.55 -5.35 -25.00
CA SER A 48 3.27 -4.67 -25.03
C SER A 48 3.37 -3.42 -24.19
N MET A 49 2.62 -2.39 -24.56
CA MET A 49 2.48 -1.20 -23.73
C MET A 49 2.00 -1.64 -22.37
N TRP A 50 1.07 -2.58 -22.37
CA TRP A 50 0.48 -3.13 -21.16
C TRP A 50 1.47 -3.76 -20.21
N GLU A 51 2.47 -4.47 -20.74
CA GLU A 51 3.44 -5.10 -19.85
C GLU A 51 4.35 -4.06 -19.25
N MET A 52 4.84 -3.15 -20.09
CA MET A 52 5.60 -2.00 -19.62
C MET A 52 4.83 -1.14 -18.60
N TRP A 53 3.52 -0.92 -18.80
CA TRP A 53 2.76 -0.16 -17.83
C TRP A 53 2.74 -0.89 -16.51
N GLU A 54 2.58 -2.21 -16.54
CA GLU A 54 2.55 -3.01 -15.30
C GLU A 54 3.86 -2.98 -14.54
N ARG A 55 4.96 -3.14 -15.25
CA ARG A 55 6.28 -3.05 -14.64
C ARG A 55 6.50 -1.68 -14.04
N CYS A 56 6.30 -0.63 -14.85
CA CYS A 56 6.47 0.74 -14.41
C CYS A 56 5.53 1.10 -13.28
N ALA A 57 4.26 0.75 -13.42
CA ALA A 57 3.26 1.00 -12.38
C ALA A 57 3.58 0.26 -11.10
N HIS A 58 4.13 -0.94 -11.21
CA HIS A 58 4.58 -1.68 -10.04
C HIS A 58 5.70 -0.94 -9.35
N HIS A 59 6.78 -0.69 -10.08
CA HIS A 59 8.01 -0.12 -9.50
C HIS A 59 7.78 1.24 -8.88
N LEU A 60 6.94 2.05 -9.53
CA LEU A 60 6.60 3.39 -9.04
C LEU A 60 5.61 3.40 -7.88
N THR A 61 4.77 2.38 -7.80
CA THR A 61 3.90 2.20 -6.65
C THR A 61 4.74 1.90 -5.42
N GLU A 62 5.70 1.00 -5.57
CA GLU A 62 6.67 0.69 -4.54
C GLU A 62 7.39 1.98 -4.12
N ALA A 63 7.83 2.74 -5.13
CA ALA A 63 8.49 4.01 -4.88
C ALA A 63 7.65 4.94 -4.01
N ILE A 64 6.34 5.00 -4.31
CA ILE A 64 5.41 5.80 -3.51
C ILE A 64 5.29 5.28 -2.09
N GLN A 65 5.27 3.96 -1.92
CA GLN A 65 5.19 3.38 -0.59
C GLN A 65 6.38 3.83 0.26
N TYR A 66 7.57 3.85 -0.35
CA TYR A 66 8.74 4.35 0.33
C TYR A 66 8.64 5.83 0.73
N VAL A 67 8.00 6.65 -0.09
CA VAL A 67 7.78 8.07 0.26
C VAL A 67 6.81 8.18 1.42
N VAL A 68 5.80 7.32 1.44
CA VAL A 68 4.86 7.35 2.54
C VAL A 68 5.57 7.04 3.86
N GLU A 69 6.42 6.02 3.81
CA GLU A 69 7.28 5.67 4.96
C GLU A 69 8.14 6.82 5.46
N PHE A 70 8.72 7.56 4.51
CA PHE A 70 9.48 8.76 4.80
C PHE A 70 8.63 9.76 5.56
N ALA A 71 7.44 10.01 5.03
CA ALA A 71 6.53 10.98 5.61
C ALA A 71 6.16 10.58 7.01
N LYS A 72 5.78 9.31 7.18
CA LYS A 72 5.45 8.76 8.50
C LYS A 72 6.55 9.00 9.55
N ARG A 73 7.81 8.99 9.14
CA ARG A 73 8.96 9.23 10.01
C ARG A 73 9.37 10.68 10.18
N LEU A 74 8.74 11.61 9.49
CA LEU A 74 9.02 13.02 9.72
C LEU A 74 8.39 13.41 11.02
N SER A 75 9.07 14.32 11.74
CA SER A 75 8.63 14.74 13.06
C SER A 75 7.37 15.59 12.89
N GLY A 76 6.27 15.15 13.49
CA GLY A 76 5.05 15.92 13.46
C GLY A 76 4.16 15.73 12.25
N PHE A 77 4.54 14.88 11.31
CA PHE A 77 3.61 14.45 10.26
C PHE A 77 2.51 13.60 10.88
N MET A 78 2.90 12.61 11.68
CA MET A 78 1.95 11.71 12.37
C MET A 78 1.09 12.42 13.40
N GLU A 79 1.58 13.55 13.91
CA GLU A 79 0.78 14.40 14.79
C GLU A 79 -0.32 15.18 14.05
N LEU A 80 -0.21 15.35 12.72
CA LEU A 80 -1.29 15.97 11.91
C LEU A 80 -2.53 15.09 11.95
N CYS A 81 -3.64 15.64 11.47
CA CYS A 81 -4.88 14.85 11.44
C CYS A 81 -4.85 13.88 10.27
N GLN A 82 -5.80 12.96 10.23
CA GLN A 82 -5.85 11.93 9.18
C GLN A 82 -6.12 12.56 7.80
N ASN A 83 -7.12 13.44 7.72
CA ASN A 83 -7.49 14.12 6.46
C ASN A 83 -6.33 14.89 5.85
N ASP A 84 -5.64 15.68 6.70
CA ASP A 84 -4.44 16.43 6.31
C ASP A 84 -3.31 15.53 5.82
N GLN A 85 -3.00 14.46 6.56
CA GLN A 85 -1.96 13.50 6.15
C GLN A 85 -2.19 12.91 4.77
N ILE A 86 -3.45 12.63 4.45
CA ILE A 86 -3.81 12.07 3.14
C ILE A 86 -3.71 13.14 2.05
N VAL A 87 -4.24 14.34 2.31
CA VAL A 87 -4.16 15.46 1.36
C VAL A 87 -2.70 15.74 0.96
N LEU A 88 -1.82 15.78 1.95
CA LEU A 88 -0.42 16.08 1.72
C LEU A 88 0.28 15.04 0.88
N LEU A 89 -0.07 13.78 1.09
CA LEU A 89 0.55 12.62 0.40
C LEU A 89 -0.05 12.39 -0.97
N LYS A 90 -1.35 12.63 -1.08
CA LYS A 90 -2.05 12.58 -2.36
C LYS A 90 -1.46 13.64 -3.30
N ALA A 91 -1.23 14.84 -2.79
CA ALA A 91 -0.64 15.93 -3.58
C ALA A 91 0.86 15.82 -3.78
N GLY A 92 1.59 15.26 -2.80
CA GLY A 92 3.05 15.36 -2.76
C GLY A 92 3.88 14.13 -3.03
N ALA A 93 3.35 12.93 -2.77
CA ALA A 93 4.13 11.71 -2.94
C ALA A 93 4.74 11.58 -4.35
N MET A 94 3.93 11.78 -5.39
CA MET A 94 4.42 11.64 -6.78
C MET A 94 5.46 12.69 -7.13
N GLU A 95 5.30 13.89 -6.57
CA GLU A 95 6.29 14.95 -6.72
C GLU A 95 7.61 14.55 -6.08
N VAL A 96 7.56 13.97 -4.88
CA VAL A 96 8.80 13.51 -4.21
C VAL A 96 9.49 12.43 -5.03
N VAL A 97 8.71 11.51 -5.60
CA VAL A 97 9.24 10.42 -6.43
C VAL A 97 10.00 11.01 -7.63
N LEU A 98 9.43 12.03 -8.26
CA LEU A 98 10.07 12.68 -9.41
C LEU A 98 11.39 13.36 -9.04
N VAL A 99 11.46 13.92 -7.83
CA VAL A 99 12.69 14.56 -7.36
C VAL A 99 13.71 13.50 -7.00
N ARG A 100 13.28 12.49 -6.25
CA ARG A 100 14.15 11.35 -5.93
C ARG A 100 14.77 10.67 -7.14
N MET A 101 14.08 10.74 -8.28
CA MET A 101 14.49 10.06 -9.49
C MET A 101 15.80 10.58 -10.05
N CYS A 102 16.13 11.85 -9.78
CA CYS A 102 17.40 12.44 -10.25
C CYS A 102 18.66 11.71 -9.77
N ARG A 103 18.55 10.97 -8.66
CA ARG A 103 19.64 10.14 -8.15
C ARG A 103 19.88 8.92 -9.01
N ALA A 104 18.85 8.47 -9.73
CA ALA A 104 18.96 7.31 -10.58
C ALA A 104 19.27 7.67 -12.04
N TYR A 105 19.56 8.95 -12.30
CA TYR A 105 19.76 9.46 -13.65
C TYR A 105 21.20 9.83 -13.86
N ASN A 106 21.79 9.29 -14.92
CA ASN A 106 23.18 9.58 -15.24
C ASN A 106 23.19 10.58 -16.38
N ALA A 107 23.61 11.80 -16.08
CA ALA A 107 23.62 12.87 -17.06
C ALA A 107 24.71 12.73 -18.11
N ASP A 108 25.76 11.96 -17.84
CA ASP A 108 26.83 11.70 -18.84
C ASP A 108 26.29 11.04 -20.11
N ASN A 109 25.44 10.03 -19.96
CA ASN A 109 24.90 9.26 -21.10
C ASN A 109 23.38 9.37 -21.25
N ARG A 110 22.74 10.26 -20.47
CA ARG A 110 21.28 10.41 -20.45
C ARG A 110 20.54 9.08 -20.24
N THR A 111 20.87 8.40 -19.16
CA THR A 111 20.23 7.13 -18.83
C THR A 111 19.68 7.14 -17.40
N VAL A 112 18.77 6.20 -17.14
CA VAL A 112 18.10 6.09 -15.86
C VAL A 112 18.07 4.62 -15.43
N PHE A 113 18.09 4.40 -14.12
CA PHE A 113 18.06 3.06 -13.57
C PHE A 113 16.64 2.46 -13.65
N PHE A 114 16.60 1.24 -14.18
CA PHE A 114 15.35 0.52 -14.42
C PHE A 114 15.61 -0.97 -14.51
N GLU A 115 15.16 -1.71 -13.50
CA GLU A 115 15.25 -3.18 -13.47
C GLU A 115 16.69 -3.68 -13.62
N GLY A 116 17.56 -3.15 -12.77
CA GLY A 116 18.92 -3.66 -12.61
C GLY A 116 20.00 -2.96 -13.39
N LYS A 117 19.64 -2.24 -14.45
CA LYS A 117 20.64 -1.54 -15.25
C LYS A 117 20.14 -0.18 -15.71
N TYR A 118 21.00 0.55 -16.42
CA TYR A 118 20.70 1.88 -16.93
C TYR A 118 20.27 1.79 -18.39
N GLY A 119 19.24 2.56 -18.75
CA GLY A 119 18.75 2.65 -20.11
C GLY A 119 18.37 4.07 -20.48
N GLY A 120 18.44 4.40 -21.76
CA GLY A 120 18.03 5.71 -22.25
C GLY A 120 16.53 5.78 -22.32
N MET A 121 15.99 6.82 -22.93
CA MET A 121 14.53 6.93 -22.97
C MET A 121 13.88 6.00 -24.02
N GLU A 122 14.67 5.54 -24.98
CA GLU A 122 14.17 4.61 -25.99
C GLU A 122 13.81 3.24 -25.41
N LEU A 123 14.23 2.98 -24.19
CA LEU A 123 13.80 1.80 -23.45
C LEU A 123 12.27 1.71 -23.28
N PHE A 124 11.64 2.86 -23.07
CA PHE A 124 10.20 2.94 -22.75
C PHE A 124 9.37 3.27 -23.99
N ARG A 125 9.85 2.84 -25.16
CA ARG A 125 9.22 3.18 -26.41
C ARG A 125 7.81 2.57 -26.48
N ALA A 126 7.65 1.40 -25.90
CA ALA A 126 6.38 0.68 -25.97
C ALA A 126 5.21 1.44 -25.36
N LEU A 127 5.47 2.24 -24.33
CA LEU A 127 4.43 2.99 -23.62
C LEU A 127 3.72 4.00 -24.48
N GLY A 128 4.38 4.48 -25.52
CA GLY A 128 3.77 5.43 -26.43
C GLY A 128 3.49 6.80 -25.84
N CYS A 129 4.37 7.25 -24.95
CA CYS A 129 4.34 8.65 -24.49
C CYS A 129 5.75 9.15 -24.18
N SER A 130 6.41 9.60 -25.24
CA SER A 130 7.72 10.21 -25.17
C SER A 130 7.62 11.62 -24.62
N GLU A 131 6.50 12.31 -24.87
CA GLU A 131 6.22 13.61 -24.22
C GLU A 131 6.53 13.52 -22.73
N LEU A 132 5.83 12.63 -22.04
CA LEU A 132 5.99 12.46 -20.59
C LEU A 132 7.39 12.02 -20.22
N ILE A 133 7.98 11.17 -21.04
CA ILE A 133 9.24 10.52 -20.70
C ILE A 133 10.42 11.46 -20.89
N SER A 134 10.47 12.19 -22.01
CA SER A 134 11.57 13.16 -22.21
C SER A 134 11.50 14.26 -21.20
N SER A 135 10.29 14.71 -20.89
CA SER A 135 10.15 15.76 -19.89
C SER A 135 10.53 15.27 -18.50
N ILE A 136 10.29 14.01 -18.18
CA ILE A 136 10.84 13.41 -16.96
C ILE A 136 12.38 13.32 -17.03
N PHE A 137 12.91 12.92 -18.18
CA PHE A 137 14.36 12.92 -18.38
C PHE A 137 14.96 14.33 -18.32
N ASP A 138 14.25 15.34 -18.85
CA ASP A 138 14.76 16.71 -18.84
C ASP A 138 14.84 17.24 -17.42
N PHE A 139 13.76 17.04 -16.68
CA PHE A 139 13.70 17.47 -15.29
C PHE A 139 14.78 16.80 -14.46
N SER A 140 14.94 15.51 -14.64
CA SER A 140 16.01 14.77 -13.98
C SER A 140 17.37 15.32 -14.37
N HIS A 141 17.53 15.68 -15.64
CA HIS A 141 18.81 16.22 -16.14
C HIS A 141 19.16 17.54 -15.51
N SER A 142 18.18 18.42 -15.36
CA SER A 142 18.41 19.72 -14.74
C SER A 142 18.70 19.64 -13.23
N LEU A 143 18.04 18.73 -12.52
CA LEU A 143 18.40 18.49 -11.14
C LEU A 143 19.76 17.82 -11.00
N SER A 144 20.17 17.05 -12.00
CA SER A 144 21.53 16.51 -12.01
C SER A 144 22.60 17.60 -12.00
N ALA A 145 22.35 18.67 -12.74
CA ALA A 145 23.25 19.81 -12.79
C ALA A 145 23.62 20.35 -11.40
N LEU A 146 22.67 20.36 -10.45
CA LEU A 146 22.91 20.84 -9.08
C LEU A 146 23.80 19.96 -8.18
N HIS A 147 24.01 18.71 -8.57
CA HIS A 147 24.68 17.72 -7.74
C HIS A 147 24.17 17.71 -6.31
N PHE A 148 22.84 17.60 -6.17
CA PHE A 148 22.17 17.48 -4.88
C PHE A 148 22.90 16.53 -3.94
N SER A 149 23.22 16.97 -2.73
CA SER A 149 23.58 16.08 -1.61
C SER A 149 22.39 15.17 -1.30
N GLU A 150 22.65 14.06 -0.63
CA GLU A 150 21.57 13.24 -0.08
C GLU A 150 20.73 14.03 0.89
N ASP A 151 21.39 14.70 1.84
CA ASP A 151 20.70 15.54 2.85
C ASP A 151 19.88 16.67 2.22
N GLU A 152 20.38 17.24 1.13
CA GLU A 152 19.64 18.29 0.42
C GLU A 152 18.33 17.72 -0.16
N ILE A 153 18.38 16.52 -0.72
CA ILE A 153 17.19 15.83 -1.22
C ILE A 153 16.21 15.55 -0.09
N ALA A 154 16.73 15.02 1.02
CA ALA A 154 15.93 14.73 2.20
C ALA A 154 15.16 15.96 2.67
N LEU A 155 15.89 17.06 2.84
CA LEU A 155 15.30 18.29 3.34
C LEU A 155 14.32 18.92 2.35
N TYR A 156 14.71 18.95 1.07
CA TYR A 156 13.89 19.51 0.00
C TYR A 156 12.61 18.69 -0.18
N THR A 157 12.73 17.35 -0.27
CA THR A 157 11.54 16.51 -0.44
C THR A 157 10.60 16.51 0.77
N ALA A 158 11.13 16.75 1.96
CA ALA A 158 10.28 16.99 3.14
C ALA A 158 9.44 18.26 2.97
N LEU A 159 10.03 19.32 2.41
CA LEU A 159 9.29 20.54 2.09
C LEU A 159 8.29 20.42 0.92
N VAL A 160 8.56 19.52 -0.01
CA VAL A 160 7.59 19.17 -1.06
C VAL A 160 6.28 18.64 -0.46
N LEU A 161 6.41 17.69 0.47
CA LEU A 161 5.25 17.12 1.16
C LEU A 161 4.55 18.15 2.06
N ILE A 162 5.31 18.72 2.98
CA ILE A 162 4.77 19.55 4.04
C ILE A 162 4.56 20.95 3.50
N ASN A 163 3.41 21.15 2.88
CA ASN A 163 3.10 22.36 2.12
C ASN A 163 1.69 22.76 2.50
N ALA A 164 1.56 23.88 3.21
CA ALA A 164 0.27 24.32 3.71
C ALA A 164 -0.55 25.13 2.69
N HIS A 165 -0.20 25.07 1.41
CA HIS A 165 -1.03 25.65 0.35
C HIS A 165 -1.82 24.58 -0.42
N ARG A 166 -1.71 23.31 -0.01
CA ARG A 166 -2.48 22.24 -0.65
C ARG A 166 -3.94 22.47 -0.33
N PRO A 167 -4.83 22.43 -1.35
CA PRO A 167 -6.24 22.55 -1.03
C PRO A 167 -6.79 21.26 -0.39
N GLY A 168 -7.65 21.41 0.62
CA GLY A 168 -8.24 20.28 1.33
C GLY A 168 -7.84 20.08 2.79
N LEU A 169 -6.92 20.91 3.30
CA LEU A 169 -6.39 20.76 4.66
C LEU A 169 -7.37 21.29 5.67
N GLN A 170 -7.56 20.57 6.76
CA GLN A 170 -8.41 21.01 7.85
C GLN A 170 -7.65 21.78 8.91
N GLU A 171 -6.35 21.60 9.00
CA GLU A 171 -5.56 22.32 10.00
C GLU A 171 -4.33 22.98 9.35
N LYS A 172 -4.62 23.95 8.48
CA LYS A 172 -3.61 24.80 7.82
C LYS A 172 -2.56 25.26 8.84
N ARG A 173 -2.99 25.87 9.95
CA ARG A 173 -2.05 26.40 10.93
C ARG A 173 -1.05 25.37 11.44
N LYS A 174 -1.49 24.14 11.64
CA LYS A 174 -0.63 23.04 12.15
C LYS A 174 0.48 22.65 11.16
N VAL A 175 0.12 22.68 9.87
CA VAL A 175 1.00 22.31 8.77
C VAL A 175 2.02 23.42 8.43
N GLU A 176 1.60 24.67 8.61
CA GLU A 176 2.50 25.81 8.51
C GLU A 176 3.58 25.76 9.57
N GLN A 177 3.18 25.40 10.80
CA GLN A 177 4.11 25.18 11.90
C GLN A 177 5.27 24.29 11.45
N LEU A 178 4.97 23.13 10.88
CA LEU A 178 5.99 22.23 10.39
C LEU A 178 6.75 22.75 9.21
N GLN A 179 6.04 23.30 8.24
CA GLN A 179 6.66 23.86 7.04
C GLN A 179 7.71 24.91 7.41
N TYR A 180 7.33 25.81 8.30
CA TYR A 180 8.21 26.91 8.72
C TYR A 180 9.47 26.39 9.41
N ASN A 181 9.33 25.44 10.32
CA ASN A 181 10.52 24.84 10.95
C ASN A 181 11.38 24.08 9.97
N LEU A 182 10.73 23.40 9.01
CA LEU A 182 11.46 22.66 7.99
C LEU A 182 12.17 23.59 7.05
N GLU A 183 11.56 24.73 6.75
CA GLU A 183 12.22 25.76 5.94
C GLU A 183 13.46 26.30 6.65
N LEU A 184 13.34 26.56 7.95
CA LEU A 184 14.48 27.00 8.73
C LEU A 184 15.56 25.96 8.74
N ALA A 185 15.16 24.70 8.96
CA ALA A 185 16.09 23.57 8.91
C ALA A 185 16.85 23.51 7.59
N PHE A 186 16.15 23.63 6.48
CA PHE A 186 16.77 23.56 5.16
C PHE A 186 17.78 24.70 4.98
N HIS A 187 17.35 25.92 5.25
CA HIS A 187 18.17 27.12 5.11
C HIS A 187 19.39 27.11 6.05
N HIS A 188 19.17 26.69 7.29
CA HIS A 188 20.25 26.52 8.23
C HIS A 188 21.31 25.55 7.72
N HIS A 189 20.87 24.38 7.28
CA HIS A 189 21.79 23.35 6.79
C HIS A 189 22.58 23.81 5.57
N LEU A 190 21.96 24.59 4.70
CA LEU A 190 22.65 25.09 3.52
C LEU A 190 23.74 26.09 3.91
N CYS A 191 23.53 26.82 5.00
CA CYS A 191 24.59 27.66 5.58
C CYS A 191 25.71 26.88 6.18
N LYS A 192 25.36 25.87 6.96
CA LYS A 192 26.34 24.98 7.59
C LYS A 192 27.28 24.34 6.57
N THR A 193 26.75 24.03 5.39
CA THR A 193 27.46 23.33 4.32
C THR A 193 27.87 24.23 3.16
N HIS A 194 27.76 25.54 3.32
CA HIS A 194 28.11 26.53 2.28
C HIS A 194 27.50 26.19 0.89
N ARG A 195 26.22 25.86 0.92
CA ARG A 195 25.47 25.46 -0.26
C ARG A 195 24.22 26.30 -0.42
N GLN A 196 24.30 27.57 -0.02
CA GLN A 196 23.19 28.51 -0.20
C GLN A 196 22.95 28.81 -1.70
N SER A 197 23.98 28.60 -2.51
CA SER A 197 23.87 28.83 -3.94
C SER A 197 22.73 28.04 -4.57
N ILE A 198 22.37 26.87 -4.02
CA ILE A 198 21.32 26.06 -4.64
C ILE A 198 19.89 26.61 -4.49
N LEU A 199 19.61 27.48 -3.52
CA LEU A 199 18.26 28.04 -3.37
C LEU A 199 17.75 28.73 -4.63
N ALA A 200 18.59 29.55 -5.25
CA ALA A 200 18.26 30.19 -6.53
C ALA A 200 18.01 29.21 -7.72
N LYS A 201 18.41 27.95 -7.59
CA LYS A 201 18.41 26.99 -8.70
C LYS A 201 17.42 25.84 -8.59
N LEU A 202 16.75 25.72 -7.44
CA LEU A 202 15.74 24.71 -7.26
C LEU A 202 14.59 25.07 -8.16
N PRO A 203 13.89 24.06 -8.73
CA PRO A 203 12.75 24.39 -9.59
C PRO A 203 11.62 25.07 -8.79
N PRO A 204 10.78 25.90 -9.45
CA PRO A 204 9.61 26.45 -8.73
C PRO A 204 8.60 25.34 -8.35
N LYS A 205 7.97 25.48 -7.16
CA LYS A 205 7.01 24.47 -6.65
C LYS A 205 5.64 24.50 -7.35
N GLY A 206 5.40 25.56 -8.13
CA GLY A 206 4.37 25.54 -9.17
C GLY A 206 4.68 24.51 -10.26
N LYS A 207 5.92 24.52 -10.77
CA LYS A 207 6.33 23.68 -11.92
C LYS A 207 6.58 22.20 -11.60
N LEU A 208 6.86 21.91 -10.34
CA LEU A 208 6.89 20.55 -9.83
C LEU A 208 5.48 19.94 -9.91
N ARG A 209 4.50 20.71 -9.41
CA ARG A 209 3.07 20.32 -9.40
C ARG A 209 2.40 20.25 -10.78
N SER A 210 2.86 21.06 -11.73
CA SER A 210 2.27 21.09 -13.08
C SER A 210 2.74 19.93 -13.97
N LEU A 211 3.95 19.42 -13.72
CA LEU A 211 4.44 18.19 -14.39
C LEU A 211 3.91 16.89 -13.79
N CYS A 212 3.19 16.98 -12.65
CA CYS A 212 2.48 15.86 -12.06
C CYS A 212 0.97 15.91 -12.33
N SER A 213 0.39 17.12 -12.41
CA SER A 213 -1.00 17.29 -12.85
C SER A 213 -1.19 16.82 -14.31
N GLN A 214 -0.16 17.01 -15.14
CA GLN A 214 -0.17 16.51 -16.52
C GLN A 214 0.11 14.98 -16.62
N HIS A 215 1.18 14.49 -15.96
CA HIS A 215 1.35 13.05 -15.58
C HIS A 215 -0.01 12.33 -15.55
N VAL A 216 -0.94 12.84 -14.74
CA VAL A 216 -2.34 12.37 -14.68
C VAL A 216 -3.24 13.26 -15.56
N ALA B 1 -34.46 -2.22 -7.80
CA ALA B 1 -33.53 -3.36 -8.15
C ALA B 1 -34.32 -4.52 -8.74
N SER B 2 -34.08 -4.84 -10.02
CA SER B 2 -34.73 -6.00 -10.69
C SER B 2 -33.98 -7.30 -10.45
N LEU B 3 -34.52 -8.41 -10.93
CA LEU B 3 -33.93 -9.75 -10.68
C LEU B 3 -32.64 -10.02 -11.47
N THR B 4 -32.53 -9.49 -12.68
CA THR B 4 -31.30 -9.60 -13.45
C THR B 4 -30.24 -8.73 -12.77
N GLU B 5 -30.66 -7.54 -12.31
CA GLU B 5 -29.76 -6.66 -11.58
C GLU B 5 -29.21 -7.29 -10.31
N ILE B 6 -30.02 -8.06 -9.57
CA ILE B 6 -29.48 -8.75 -8.40
C ILE B 6 -28.46 -9.80 -8.77
N GLU B 7 -28.78 -10.57 -9.79
CA GLU B 7 -27.87 -11.64 -10.26
C GLU B 7 -26.58 -11.08 -10.87
N HIS B 8 -26.64 -9.90 -11.51
CA HIS B 8 -25.44 -9.23 -11.98
C HIS B 8 -24.55 -8.84 -10.82
N LEU B 9 -25.14 -8.23 -9.80
CA LEU B 9 -24.41 -7.85 -8.60
C LEU B 9 -23.72 -9.04 -7.92
N VAL B 10 -24.45 -10.15 -7.80
CA VAL B 10 -23.89 -11.38 -7.18
C VAL B 10 -22.69 -11.84 -7.99
N GLN B 11 -22.90 -12.01 -9.29
CA GLN B 11 -21.84 -12.41 -10.19
C GLN B 11 -20.66 -11.45 -10.11
N SER B 12 -20.97 -10.17 -10.06
CA SER B 12 -19.95 -9.15 -9.99
C SER B 12 -19.12 -9.32 -8.72
N VAL B 13 -19.79 -9.45 -7.58
CA VAL B 13 -19.13 -9.60 -6.28
C VAL B 13 -18.30 -10.89 -6.24
N CYS B 14 -18.85 -11.99 -6.73
CA CYS B 14 -18.12 -13.26 -6.81
C CYS B 14 -16.87 -13.22 -7.70
N LYS B 15 -16.88 -12.41 -8.75
CA LYS B 15 -15.71 -12.31 -9.62
C LYS B 15 -14.67 -11.36 -9.04
N SER B 16 -15.12 -10.26 -8.42
CA SER B 16 -14.22 -9.38 -7.68
C SER B 16 -13.49 -10.15 -6.61
N TYR B 17 -14.19 -11.04 -5.92
CA TYR B 17 -13.58 -11.87 -4.89
C TYR B 17 -12.57 -12.84 -5.50
N ARG B 18 -12.97 -13.49 -6.60
CA ARG B 18 -12.13 -14.46 -7.32
C ARG B 18 -10.79 -13.87 -7.72
N GLU B 19 -10.85 -12.66 -8.26
CA GLU B 19 -9.65 -11.94 -8.64
C GLU B 19 -8.79 -11.54 -7.45
N THR B 20 -9.41 -11.13 -6.36
CA THR B 20 -8.68 -10.57 -5.22
C THR B 20 -8.50 -11.50 -4.02
N CYS B 21 -8.55 -12.82 -4.21
CA CYS B 21 -8.48 -13.75 -3.08
C CYS B 21 -7.06 -14.13 -2.67
N GLN B 22 -6.05 -13.70 -3.42
CA GLN B 22 -4.63 -13.99 -3.13
C GLN B 22 -4.30 -15.48 -3.20
N LEU B 23 -4.86 -16.27 -2.29
CA LEU B 23 -4.69 -17.73 -2.27
C LEU B 23 -5.88 -18.44 -2.93
N ARG B 24 -5.59 -19.19 -4.00
CA ARG B 24 -6.56 -20.00 -4.70
C ARG B 24 -6.99 -21.17 -3.81
N LEU B 25 -8.31 -21.39 -3.68
CA LEU B 25 -8.86 -22.49 -2.87
C LEU B 25 -8.30 -23.86 -3.23
N GLU B 26 -8.18 -24.12 -4.53
CA GLU B 26 -7.55 -25.35 -5.03
C GLU B 26 -6.17 -25.53 -4.45
N ASP B 27 -5.35 -24.49 -4.49
CA ASP B 27 -4.00 -24.56 -3.97
C ASP B 27 -3.96 -24.85 -2.47
N LEU B 28 -4.77 -24.12 -1.71
CA LEU B 28 -4.84 -24.30 -0.27
C LEU B 28 -5.15 -25.76 0.10
N LEU B 29 -6.18 -26.33 -0.53
CA LEU B 29 -6.61 -27.70 -0.22
C LEU B 29 -5.58 -28.75 -0.61
N ARG B 30 -4.94 -28.58 -1.78
CA ARG B 30 -3.89 -29.49 -2.23
C ARG B 30 -2.66 -29.49 -1.29
N GLN B 31 -2.30 -28.30 -0.80
CA GLN B 31 -1.19 -28.13 0.15
C GLN B 31 -1.43 -28.69 1.55
N ARG B 32 -2.67 -29.02 1.91
CA ARG B 32 -2.97 -29.54 3.27
C ARG B 32 -2.06 -30.70 3.71
N SER B 33 -1.79 -31.63 2.79
CA SER B 33 -0.87 -32.73 3.06
C SER B 33 0.57 -32.29 3.35
N ASN B 34 0.93 -31.08 2.91
CA ASN B 34 2.25 -30.49 3.08
C ASN B 34 2.28 -29.68 4.40
N ILE B 35 2.85 -30.27 5.45
CA ILE B 35 2.73 -29.82 6.85
C ILE B 35 4.14 -29.60 7.42
N PHE B 36 4.36 -28.60 8.26
CA PHE B 36 5.70 -28.37 8.83
C PHE B 36 6.14 -29.54 9.70
N SER B 37 7.41 -29.94 9.52
CA SER B 37 8.02 -31.00 10.32
C SER B 37 8.35 -30.45 11.68
N ARG B 38 8.48 -31.32 12.67
CA ARG B 38 8.82 -30.89 14.04
C ARG B 38 10.13 -30.11 14.08
N GLU B 39 11.05 -30.46 13.18
CA GLU B 39 12.31 -29.72 13.08
C GLU B 39 12.03 -28.29 12.63
N GLU B 40 11.17 -28.13 11.62
CA GLU B 40 10.82 -26.81 11.09
C GLU B 40 10.03 -25.95 12.07
N VAL B 41 9.08 -26.57 12.75
CA VAL B 41 8.33 -25.90 13.79
C VAL B 41 9.28 -25.32 14.86
N THR B 42 10.18 -26.15 15.38
CA THR B 42 11.22 -25.68 16.30
C THR B 42 12.03 -24.51 15.75
N GLY B 43 12.30 -24.55 14.44
CA GLY B 43 12.96 -23.45 13.77
C GLY B 43 12.23 -22.14 13.96
N TYR B 44 10.93 -22.15 13.68
CA TYR B 44 10.10 -20.96 13.84
C TYR B 44 9.93 -20.52 15.31
N GLN B 45 9.89 -21.48 16.22
CA GLN B 45 9.74 -21.18 17.64
C GLN B 45 11.00 -20.57 18.20
N ARG B 46 12.15 -20.93 17.61
CA ARG B 46 13.45 -20.43 18.06
C ARG B 46 13.63 -18.95 17.71
N LYS B 47 12.85 -18.44 16.76
CA LYS B 47 13.00 -17.07 16.29
C LYS B 47 12.64 -16.00 17.32
N SER B 48 13.13 -14.80 17.06
CA SER B 48 12.77 -13.64 17.86
C SER B 48 11.29 -13.36 17.64
N MET B 49 10.63 -12.83 18.67
CA MET B 49 9.27 -12.34 18.52
C MET B 49 9.25 -11.33 17.38
N TRP B 50 10.28 -10.49 17.35
CA TRP B 50 10.44 -9.46 16.36
C TRP B 50 10.49 -9.96 14.92
N GLU B 51 11.14 -11.09 14.68
CA GLU B 51 11.20 -11.61 13.32
C GLU B 51 9.86 -12.19 12.92
N MET B 52 9.26 -12.97 13.80
CA MET B 52 7.89 -13.43 13.60
C MET B 52 6.87 -12.30 13.41
N TRP B 53 7.00 -11.20 14.15
CA TRP B 53 6.09 -10.07 13.96
C TRP B 53 6.27 -9.52 12.55
N GLU B 54 7.51 -9.41 12.09
CA GLU B 54 7.79 -8.89 10.73
C GLU B 54 7.24 -9.79 9.62
N ARG B 55 7.44 -11.08 9.76
CA ARG B 55 6.89 -12.01 8.79
C ARG B 55 5.36 -11.93 8.78
N CYS B 56 4.75 -12.05 9.96
CA CYS B 56 3.30 -12.02 10.09
C CYS B 56 2.73 -10.68 9.64
N ALA B 57 3.36 -9.59 10.09
CA ALA B 57 2.94 -8.24 9.70
C ALA B 57 3.08 -8.01 8.22
N HIS B 58 4.11 -8.58 7.60
CA HIS B 58 4.26 -8.51 6.15
C HIS B 58 3.12 -9.22 5.47
N HIS B 59 2.95 -10.50 5.77
CA HIS B 59 1.99 -11.34 5.05
C HIS B 59 0.56 -10.84 5.21
N LEU B 60 0.22 -10.36 6.40
CA LEU B 60 -1.11 -9.83 6.68
C LEU B 60 -1.36 -8.43 6.13
N THR B 61 -0.30 -7.66 5.96
CA THR B 61 -0.41 -6.37 5.28
C THR B 61 -0.76 -6.60 3.82
N GLU B 62 -0.06 -7.53 3.20
CA GLU B 62 -0.36 -7.97 1.84
C GLU B 62 -1.82 -8.41 1.78
N ALA B 63 -2.22 -9.23 2.74
CA ALA B 63 -3.59 -9.71 2.82
C ALA B 63 -4.59 -8.56 2.83
N ILE B 64 -4.29 -7.51 3.60
CA ILE B 64 -5.14 -6.31 3.65
C ILE B 64 -5.18 -5.61 2.29
N GLN B 65 -4.04 -5.54 1.62
CA GLN B 65 -3.99 -4.89 0.30
C GLN B 65 -4.94 -5.61 -0.66
N TYR B 66 -4.95 -6.94 -0.61
CA TYR B 66 -5.89 -7.71 -1.42
C TYR B 66 -7.36 -7.43 -1.09
N VAL B 67 -7.68 -7.20 0.18
CA VAL B 67 -9.05 -6.83 0.57
C VAL B 67 -9.40 -5.44 0.03
N VAL B 68 -8.44 -4.54 0.05
CA VAL B 68 -8.70 -3.22 -0.47
C VAL B 68 -9.03 -3.30 -1.98
N GLU B 69 -8.26 -4.10 -2.69
CA GLU B 69 -8.53 -4.38 -4.10
C GLU B 69 -9.93 -4.94 -4.36
N PHE B 70 -10.35 -5.85 -3.50
CA PHE B 70 -11.71 -6.41 -3.52
C PHE B 70 -12.73 -5.30 -3.40
N ALA B 71 -12.53 -4.44 -2.41
CA ALA B 71 -13.46 -3.36 -2.13
C ALA B 71 -13.54 -2.43 -3.30
N LYS B 72 -12.37 -2.04 -3.83
CA LYS B 72 -12.31 -1.19 -5.03
C LYS B 72 -13.13 -1.71 -6.22
N ARG B 73 -13.21 -3.03 -6.36
CA ARG B 73 -13.97 -3.70 -7.43
C ARG B 73 -15.44 -3.97 -7.11
N LEU B 74 -15.90 -3.68 -5.91
CA LEU B 74 -17.31 -3.80 -5.61
C LEU B 74 -18.05 -2.67 -6.30
N SER B 75 -19.27 -2.97 -6.74
CA SER B 75 -20.08 -2.00 -7.47
C SER B 75 -20.50 -0.89 -6.51
N GLY B 76 -20.11 0.33 -6.82
CA GLY B 76 -20.51 1.48 -6.02
C GLY B 76 -19.68 1.77 -4.78
N PHE B 77 -18.63 1.00 -4.52
CA PHE B 77 -17.68 1.38 -3.47
C PHE B 77 -16.92 2.62 -3.88
N MET B 78 -16.36 2.60 -5.10
CA MET B 78 -15.58 3.74 -5.66
C MET B 78 -16.44 4.97 -5.89
N GLU B 79 -17.75 4.77 -6.05
CA GLU B 79 -18.69 5.87 -6.16
C GLU B 79 -18.94 6.57 -4.80
N LEU B 80 -18.66 5.91 -3.66
CA LEU B 80 -18.75 6.55 -2.34
C LEU B 80 -17.74 7.67 -2.22
N CYS B 81 -17.85 8.48 -1.18
CA CYS B 81 -16.88 9.55 -0.96
C CYS B 81 -15.58 8.97 -0.39
N GLN B 82 -14.54 9.78 -0.36
CA GLN B 82 -13.22 9.33 0.10
C GLN B 82 -13.25 9.00 1.60
N ASN B 83 -13.81 9.89 2.41
CA ASN B 83 -13.93 9.72 3.88
C ASN B 83 -14.65 8.42 4.25
N ASP B 84 -15.79 8.19 3.61
CA ASP B 84 -16.57 6.95 3.78
C ASP B 84 -15.79 5.68 3.40
N GLN B 85 -15.16 5.71 2.22
CA GLN B 85 -14.34 4.59 1.76
C GLN B 85 -13.22 4.19 2.75
N ILE B 86 -12.62 5.18 3.39
CA ILE B 86 -11.57 4.94 4.38
C ILE B 86 -12.16 4.40 5.67
N VAL B 87 -13.25 5.01 6.16
CA VAL B 87 -13.93 4.55 7.39
C VAL B 87 -14.30 3.06 7.28
N LEU B 88 -14.87 2.68 6.13
CA LEU B 88 -15.32 1.32 5.90
C LEU B 88 -14.19 0.32 5.89
N LEU B 89 -13.05 0.71 5.33
CA LEU B 89 -11.87 -0.16 5.18
C LEU B 89 -11.04 -0.22 6.46
N LYS B 90 -10.97 0.91 7.15
CA LYS B 90 -10.34 1.00 8.45
C LYS B 90 -11.07 0.08 9.44
N ALA B 91 -12.39 0.10 9.42
CA ALA B 91 -13.21 -0.75 10.29
C ALA B 91 -13.31 -2.21 9.83
N GLY B 92 -13.28 -2.45 8.53
CA GLY B 92 -13.66 -3.76 7.97
C GLY B 92 -12.58 -4.64 7.38
N ALA B 93 -11.50 -4.06 6.86
CA ALA B 93 -10.47 -4.86 6.17
C ALA B 93 -9.93 -6.02 7.04
N MET B 94 -9.57 -5.74 8.29
CA MET B 94 -9.02 -6.79 9.18
C MET B 94 -10.06 -7.86 9.49
N GLU B 95 -11.32 -7.46 9.61
CA GLU B 95 -12.41 -8.41 9.81
C GLU B 95 -12.53 -9.33 8.58
N VAL B 96 -12.45 -8.77 7.38
CA VAL B 96 -12.51 -9.60 6.16
C VAL B 96 -11.34 -10.59 6.11
N VAL B 97 -10.15 -10.13 6.49
CA VAL B 97 -8.95 -10.97 6.50
C VAL B 97 -9.17 -12.17 7.44
N LEU B 98 -9.75 -11.92 8.61
CA LEU B 98 -10.05 -13.00 9.57
C LEU B 98 -11.05 -14.02 9.03
N VAL B 99 -12.02 -13.56 8.24
CA VAL B 99 -13.00 -14.46 7.64
C VAL B 99 -12.35 -15.24 6.52
N ARG B 100 -11.64 -14.53 5.64
CA ARG B 100 -10.88 -15.20 4.57
C ARG B 100 -9.91 -16.28 5.06
N MET B 101 -9.44 -16.15 6.29
CA MET B 101 -8.45 -17.06 6.85
C MET B 101 -8.97 -18.47 7.03
N CYS B 102 -10.29 -18.63 7.20
CA CYS B 102 -10.88 -19.97 7.37
C CYS B 102 -10.66 -20.91 6.18
N ARG B 103 -10.39 -20.35 5.00
CA ARG B 103 -10.04 -21.14 3.82
C ARG B 103 -8.65 -21.75 3.93
N ALA B 104 -7.78 -21.12 4.70
CA ALA B 104 -6.43 -21.60 4.87
C ALA B 104 -6.27 -22.49 6.12
N TYR B 105 -7.38 -22.85 6.77
CA TYR B 105 -7.38 -23.59 8.02
C TYR B 105 -7.89 -24.98 7.79
N ASN B 106 -7.13 -25.97 8.22
CA ASN B 106 -7.53 -27.35 8.09
C ASN B 106 -8.00 -27.83 9.44
N ALA B 107 -9.31 -28.08 9.54
CA ALA B 107 -9.92 -28.48 10.81
C ALA B 107 -9.59 -29.92 11.21
N ASP B 108 -9.18 -30.78 10.26
CA ASP B 108 -8.75 -32.16 10.58
C ASP B 108 -7.60 -32.20 11.56
N ASN B 109 -6.58 -31.39 11.32
CA ASN B 109 -5.34 -31.37 12.14
C ASN B 109 -5.10 -30.06 12.89
N ARG B 110 -6.08 -29.15 12.85
CA ARG B 110 -5.96 -27.81 13.45
C ARG B 110 -4.70 -27.08 13.01
N THR B 111 -4.55 -26.93 11.70
CA THR B 111 -3.41 -26.22 11.14
C THR B 111 -3.84 -25.13 10.17
N VAL B 112 -2.92 -24.20 9.92
CA VAL B 112 -3.17 -23.05 9.06
C VAL B 112 -2.00 -22.85 8.11
N PHE B 113 -2.30 -22.33 6.93
CA PHE B 113 -1.28 -22.10 5.90
C PHE B 113 -0.46 -20.85 6.24
N PHE B 114 0.87 -21.04 6.19
CA PHE B 114 1.83 -20.00 6.58
C PHE B 114 3.17 -20.31 5.95
N GLU B 115 3.56 -19.47 4.99
CA GLU B 115 4.87 -19.58 4.32
C GLU B 115 5.09 -20.95 3.68
N GLY B 116 4.11 -21.39 2.88
CA GLY B 116 4.27 -22.53 2.01
C GLY B 116 3.72 -23.85 2.53
N LYS B 117 3.56 -23.96 3.85
CA LYS B 117 3.05 -25.20 4.43
C LYS B 117 2.06 -24.91 5.56
N TYR B 118 1.51 -25.99 6.13
CA TYR B 118 0.55 -25.91 7.22
C TYR B 118 1.26 -26.13 8.55
N GLY B 119 0.88 -25.34 9.55
CA GLY B 119 1.40 -25.46 10.91
C GLY B 119 0.32 -25.25 11.95
N GLY B 120 0.49 -25.87 13.11
CA GLY B 120 -0.43 -25.67 14.22
C GLY B 120 -0.20 -24.33 14.87
N MET B 121 -0.84 -24.08 15.99
CA MET B 121 -0.66 -22.78 16.65
C MET B 121 0.68 -22.65 17.38
N GLU B 122 1.31 -23.78 17.70
CA GLU B 122 2.61 -23.75 18.37
C GLU B 122 3.72 -23.21 17.45
N LEU B 123 3.45 -23.09 16.17
CA LEU B 123 4.34 -22.40 15.23
C LEU B 123 4.62 -20.96 15.64
N PHE B 124 3.61 -20.27 16.18
CA PHE B 124 3.67 -18.82 16.49
C PHE B 124 4.01 -18.58 17.96
N ARG B 125 4.72 -19.52 18.57
CA ARG B 125 5.00 -19.47 20.00
C ARG B 125 5.85 -18.27 20.33
N ALA B 126 6.75 -17.87 19.43
CA ALA B 126 7.64 -16.75 19.68
C ALA B 126 6.94 -15.43 19.96
N LEU B 127 5.77 -15.23 19.34
CA LEU B 127 5.01 -13.98 19.47
C LEU B 127 4.51 -13.72 20.88
N GLY B 128 4.37 -14.77 21.68
CA GLY B 128 3.98 -14.62 23.07
C GLY B 128 2.57 -14.14 23.28
N CYS B 129 1.64 -14.55 22.43
CA CYS B 129 0.21 -14.33 22.68
C CYS B 129 -0.63 -15.46 22.10
N SER B 130 -0.76 -16.51 22.89
CA SER B 130 -1.57 -17.68 22.56
C SER B 130 -3.04 -17.39 22.72
N GLU B 131 -3.40 -16.52 23.69
CA GLU B 131 -4.78 -16.03 23.83
C GLU B 131 -5.32 -15.62 22.44
N LEU B 132 -4.64 -14.65 21.81
CA LEU B 132 -5.05 -14.13 20.51
C LEU B 132 -5.04 -15.22 19.42
N ILE B 133 -4.05 -16.09 19.49
CA ILE B 133 -3.81 -17.04 18.41
C ILE B 133 -4.79 -18.21 18.47
N SER B 134 -5.04 -18.78 19.66
CA SER B 134 -6.02 -19.87 19.77
C SER B 134 -7.41 -19.34 19.42
N SER B 135 -7.73 -18.13 19.85
CA SER B 135 -9.03 -17.56 19.53
C SER B 135 -9.17 -17.27 18.03
N ILE B 136 -8.10 -16.91 17.37
CA ILE B 136 -8.10 -16.86 15.89
C ILE B 136 -8.28 -18.27 15.28
N PHE B 137 -7.58 -19.25 15.85
CA PHE B 137 -7.76 -20.64 15.42
C PHE B 137 -9.16 -21.16 15.73
N ASP B 138 -9.76 -20.76 16.85
CA ASP B 138 -11.10 -21.22 17.22
C ASP B 138 -12.13 -20.69 16.25
N PHE B 139 -12.04 -19.39 15.98
CA PHE B 139 -12.94 -18.74 15.05
C PHE B 139 -12.83 -19.38 13.67
N SER B 140 -11.61 -19.60 13.21
CA SER B 140 -11.38 -20.28 11.94
C SER B 140 -11.99 -21.68 11.97
N HIS B 141 -11.87 -22.36 13.12
CA HIS B 141 -12.37 -23.72 13.25
C HIS B 141 -13.88 -23.79 13.15
N SER B 142 -14.57 -22.84 13.77
CA SER B 142 -16.03 -22.79 13.70
C SER B 142 -16.57 -22.41 12.32
N LEU B 143 -15.89 -21.51 11.62
CA LEU B 143 -16.25 -21.23 10.23
C LEU B 143 -15.94 -22.40 9.31
N SER B 144 -14.94 -23.20 9.65
CA SER B 144 -14.69 -24.44 8.91
C SER B 144 -15.89 -25.40 8.94
N ALA B 145 -16.52 -25.49 10.10
CA ALA B 145 -17.70 -26.33 10.25
C ALA B 145 -18.80 -26.05 9.22
N LEU B 146 -18.99 -24.79 8.84
CA LEU B 146 -20.01 -24.40 7.83
C LEU B 146 -19.71 -24.81 6.37
N HIS B 147 -18.48 -25.19 6.07
CA HIS B 147 -18.04 -25.43 4.71
C HIS B 147 -18.45 -24.33 3.75
N PHE B 148 -18.13 -23.09 4.10
CA PHE B 148 -18.38 -21.92 3.24
C PHE B 148 -18.02 -22.19 1.80
N SER B 149 -18.95 -21.93 0.88
CA SER B 149 -18.64 -21.79 -0.55
C SER B 149 -17.69 -20.61 -0.73
N GLU B 150 -16.97 -20.58 -1.85
CA GLU B 150 -16.22 -19.38 -2.24
C GLU B 150 -17.13 -18.19 -2.40
N ASP B 151 -18.23 -18.37 -3.14
CA ASP B 151 -19.22 -17.30 -3.36
C ASP B 151 -19.87 -16.81 -2.06
N GLU B 152 -20.08 -17.72 -1.11
CA GLU B 152 -20.62 -17.33 0.20
C GLU B 152 -19.65 -16.42 0.94
N ILE B 153 -18.35 -16.73 0.87
CA ILE B 153 -17.31 -15.88 1.45
C ILE B 153 -17.29 -14.50 0.77
N ALA B 154 -17.33 -14.51 -0.55
CA ALA B 154 -17.36 -13.28 -1.35
C ALA B 154 -18.51 -12.37 -0.92
N LEU B 155 -19.70 -12.95 -0.87
CA LEU B 155 -20.90 -12.18 -0.54
C LEU B 155 -20.92 -11.71 0.92
N TYR B 156 -20.53 -12.62 1.82
CA TYR B 156 -20.48 -12.31 3.25
C TYR B 156 -19.42 -11.25 3.55
N THR B 157 -18.21 -11.41 3.03
CA THR B 157 -17.14 -10.42 3.27
C THR B 157 -17.41 -9.05 2.63
N ALA B 158 -18.18 -9.02 1.54
CA ALA B 158 -18.68 -7.75 1.01
C ALA B 158 -19.59 -7.04 2.00
N LEU B 159 -20.45 -7.79 2.68
CA LEU B 159 -21.31 -7.23 3.73
C LEU B 159 -20.58 -6.83 5.02
N VAL B 160 -19.46 -7.50 5.31
CA VAL B 160 -18.59 -7.08 6.41
C VAL B 160 -18.06 -5.65 6.19
N LEU B 161 -17.57 -5.38 4.98
CA LEU B 161 -17.08 -4.04 4.63
C LEU B 161 -18.20 -3.00 4.59
N ILE B 162 -19.20 -3.28 3.76
CA ILE B 162 -20.23 -2.31 3.43
C ILE B 162 -21.28 -2.35 4.52
N ASN B 163 -21.02 -1.59 5.58
CA ASN B 163 -21.80 -1.60 6.80
C ASN B 163 -22.05 -0.14 7.18
N ALA B 164 -23.29 0.29 7.08
CA ALA B 164 -23.64 1.68 7.34
C ALA B 164 -23.85 2.03 8.82
N HIS B 165 -23.40 1.17 9.73
CA HIS B 165 -23.39 1.48 11.15
C HIS B 165 -22.00 1.85 11.67
N ARG B 166 -21.00 1.91 10.78
CA ARG B 166 -19.65 2.32 11.18
C ARG B 166 -19.71 3.79 11.54
N PRO B 167 -19.17 4.18 12.71
CA PRO B 167 -19.18 5.60 13.04
C PRO B 167 -18.12 6.37 12.24
N GLY B 168 -18.47 7.57 11.77
CA GLY B 168 -17.59 8.41 10.95
C GLY B 168 -18.01 8.63 9.50
N LEU B 169 -19.12 8.03 9.07
CA LEU B 169 -19.56 8.11 7.67
C LEU B 169 -20.23 9.44 7.43
N GLN B 170 -19.92 10.06 6.30
CA GLN B 170 -20.55 11.31 5.91
C GLN B 170 -21.79 11.11 5.05
N GLU B 171 -21.91 9.96 4.39
CA GLU B 171 -23.07 9.70 3.56
C GLU B 171 -23.69 8.33 3.89
N LYS B 172 -24.23 8.26 5.10
CA LYS B 172 -24.89 7.05 5.64
C LYS B 172 -25.88 6.50 4.62
N ARG B 173 -26.78 7.35 4.11
CA ARG B 173 -27.81 6.92 3.16
C ARG B 173 -27.25 6.21 1.95
N LYS B 174 -26.12 6.70 1.43
CA LYS B 174 -25.47 6.12 0.21
C LYS B 174 -24.92 4.72 0.45
N VAL B 175 -24.41 4.49 1.67
CA VAL B 175 -23.81 3.22 2.08
C VAL B 175 -24.87 2.16 2.42
N GLU B 176 -26.00 2.62 2.96
CA GLU B 176 -27.17 1.76 3.14
C GLU B 176 -27.71 1.24 1.83
N GLN B 177 -27.76 2.11 0.83
CA GLN B 177 -28.11 1.74 -0.53
C GLN B 177 -27.33 0.49 -0.99
N LEU B 178 -26.01 0.53 -0.86
CA LEU B 178 -25.17 -0.62 -1.21
C LEU B 178 -25.37 -1.81 -0.31
N GLN B 179 -25.41 -1.57 0.99
CA GLN B 179 -25.60 -2.64 1.96
C GLN B 179 -26.89 -3.42 1.67
N TYR B 180 -27.97 -2.69 1.43
CA TYR B 180 -29.27 -3.27 1.16
C TYR B 180 -29.27 -4.14 -0.08
N ASN B 181 -28.70 -3.65 -1.17
CA ASN B 181 -28.58 -4.45 -2.40
C ASN B 181 -27.70 -5.66 -2.20
N LEU B 182 -26.63 -5.49 -1.44
CA LEU B 182 -25.72 -6.61 -1.16
C LEU B 182 -26.37 -7.65 -0.28
N GLU B 183 -27.21 -7.20 0.67
CA GLU B 183 -28.01 -8.12 1.48
C GLU B 183 -28.98 -8.91 0.62
N LEU B 184 -29.63 -8.25 -0.33
CA LEU B 184 -30.52 -8.94 -1.25
C LEU B 184 -29.75 -9.95 -2.07
N ALA B 185 -28.60 -9.54 -2.58
CA ALA B 185 -27.72 -10.42 -3.33
C ALA B 185 -27.34 -11.68 -2.52
N PHE B 186 -26.94 -11.49 -1.28
CA PHE B 186 -26.53 -12.61 -0.42
C PHE B 186 -27.70 -13.58 -0.21
N HIS B 187 -28.84 -13.03 0.20
CA HIS B 187 -30.04 -13.81 0.48
C HIS B 187 -30.61 -14.52 -0.74
N HIS B 188 -30.60 -13.83 -1.87
CA HIS B 188 -31.00 -14.43 -3.13
C HIS B 188 -30.14 -15.64 -3.46
N HIS B 189 -28.82 -15.47 -3.39
CA HIS B 189 -27.90 -16.54 -3.72
C HIS B 189 -28.06 -17.74 -2.81
N LEU B 190 -28.33 -17.51 -1.53
CA LEU B 190 -28.50 -18.61 -0.60
C LEU B 190 -29.77 -19.40 -0.91
N CYS B 191 -30.79 -18.74 -1.45
CA CYS B 191 -31.98 -19.42 -1.96
C CYS B 191 -31.70 -20.24 -3.18
N LYS B 192 -30.99 -19.65 -4.14
CA LYS B 192 -30.63 -20.34 -5.37
C LYS B 192 -29.85 -21.63 -5.13
N THR B 193 -29.03 -21.62 -4.08
CA THR B 193 -28.14 -22.73 -3.74
C THR B 193 -28.61 -23.55 -2.53
N HIS B 194 -29.84 -23.32 -2.08
CA HIS B 194 -30.43 -24.03 -0.93
C HIS B 194 -29.52 -24.05 0.29
N ARG B 195 -28.95 -22.89 0.60
CA ARG B 195 -27.99 -22.73 1.68
C ARG B 195 -28.44 -21.62 2.62
N GLN B 196 -29.76 -21.50 2.81
CA GLN B 196 -30.31 -20.57 3.80
C GLN B 196 -29.97 -21.03 5.23
N SER B 197 -29.69 -22.32 5.41
CA SER B 197 -29.30 -22.85 6.68
C SER B 197 -28.12 -22.12 7.31
N ILE B 198 -27.22 -21.56 6.50
CA ILE B 198 -26.04 -20.88 7.06
C ILE B 198 -26.30 -19.54 7.76
N LEU B 199 -27.40 -18.86 7.44
CA LEU B 199 -27.69 -17.57 8.08
C LEU B 199 -27.73 -17.66 9.61
N ALA B 200 -28.41 -18.67 10.15
CA ALA B 200 -28.42 -18.91 11.59
C ALA B 200 -27.04 -19.21 12.25
N LYS B 201 -26.03 -19.52 11.44
CA LYS B 201 -24.74 -20.03 11.93
C LYS B 201 -23.55 -19.10 11.71
N LEU B 202 -23.75 -18.02 10.96
CA LEU B 202 -22.70 -17.05 10.75
C LEU B 202 -22.48 -16.36 12.09
N PRO B 203 -21.22 -16.00 12.40
CA PRO B 203 -20.95 -15.36 13.68
C PRO B 203 -21.63 -13.97 13.77
N PRO B 204 -21.96 -13.50 15.00
CA PRO B 204 -22.48 -12.13 15.10
C PRO B 204 -21.43 -11.06 14.73
N LYS B 205 -21.87 -9.97 14.10
CA LYS B 205 -20.97 -8.89 13.61
C LYS B 205 -20.40 -8.00 14.71
N GLY B 206 -21.00 -8.09 15.91
CA GLY B 206 -20.35 -7.62 17.14
C GLY B 206 -19.10 -8.43 17.45
N LYS B 207 -19.20 -9.76 17.39
CA LYS B 207 -18.11 -10.68 17.80
C LYS B 207 -16.96 -10.85 16.80
N LEU B 208 -17.24 -10.55 15.55
CA LEU B 208 -16.22 -10.40 14.51
C LEU B 208 -15.32 -9.19 14.88
N ARG B 209 -15.96 -8.06 15.19
CA ARG B 209 -15.29 -6.79 15.56
C ARG B 209 -14.56 -6.84 16.91
N SER B 210 -15.03 -7.66 17.86
CA SER B 210 -14.41 -7.74 19.19
C SER B 210 -13.14 -8.62 19.21
N LEU B 211 -13.06 -9.59 18.31
CA LEU B 211 -11.84 -10.39 18.11
C LEU B 211 -10.80 -9.72 17.19
N CYS B 212 -11.10 -8.52 16.69
CA CYS B 212 -10.06 -7.58 16.20
C CYS B 212 -9.73 -6.50 17.25
N SER B 213 -9.57 -6.92 18.53
CA SER B 213 -9.27 -6.00 19.67
C SER B 213 -9.01 -6.74 20.99
#